data_3H2D
#
_entry.id   3H2D
#
_cell.length_a   58.327
_cell.length_b   71.024
_cell.length_c   74.039
_cell.angle_alpha   90.000
_cell.angle_beta   90.000
_cell.angle_gamma   90.000
#
_symmetry.space_group_name_H-M   'P 21 21 21'
#
loop_
_entity.id
_entity.type
_entity.pdbx_description
1 polymer 'CheC-like superfamily protein'
2 non-polymer 'SULFATE ION'
3 non-polymer GLYCEROL
4 water water
#
_entity_poly.entity_id   1
_entity_poly.type   'polypeptide(L)'
_entity_poly.pdbx_seq_one_letter_code
;G(MSE)NVNFINPFLQSLLNVIST(MSE)ASLELTPGKPQIKTDNLAKGDVSGLIG(MSE)VGPQTKGSLSITFEQKLVL
QI(MSE)QN(MSE)LGENPGKINEEVTDLVGEITN(MSE)VTGGAKNLLGQKGYEFE(MSE)ATP(MSE)VVSGQGHTIS
HKANGTKII(MSE)PFTSSYGTAFIEVCFES
;
_entity_poly.pdbx_strand_id   A,B
#
# COMPACT_ATOMS: atom_id res chain seq x y z
N ASN A 3 -19.79 -9.94 -1.27
N ASN A 3 -19.75 -9.91 -1.28
CA ASN A 3 -19.74 -8.52 -0.93
CA ASN A 3 -19.65 -8.49 -0.87
C ASN A 3 -19.78 -8.27 0.59
C ASN A 3 -19.74 -8.30 0.63
N VAL A 4 -20.91 -8.53 1.22
CA VAL A 4 -21.04 -8.42 2.68
C VAL A 4 -20.22 -9.53 3.31
N ASN A 5 -20.39 -10.73 2.75
CA ASN A 5 -19.74 -11.96 3.20
C ASN A 5 -18.22 -11.84 3.35
N PHE A 6 -17.51 -11.31 2.34
CA PHE A 6 -16.07 -11.19 2.51
C PHE A 6 -15.66 -9.89 3.22
N ILE A 7 -16.42 -8.79 3.10
CA ILE A 7 -15.90 -7.48 3.59
C ILE A 7 -16.24 -7.16 5.04
N ASN A 8 -17.37 -7.62 5.51
CA ASN A 8 -17.84 -7.26 6.86
C ASN A 8 -16.95 -7.65 8.02
N PRO A 9 -16.30 -8.84 7.97
CA PRO A 9 -15.33 -9.24 8.99
C PRO A 9 -14.24 -8.21 9.24
N PHE A 10 -13.74 -7.61 8.16
CA PHE A 10 -12.70 -6.58 8.23
C PHE A 10 -13.24 -5.35 8.93
N LEU A 11 -14.45 -4.95 8.55
CA LEU A 11 -15.11 -3.80 9.20
C LEU A 11 -15.37 -4.08 10.68
N GLN A 12 -15.86 -5.28 11.03
CA GLN A 12 -16.13 -5.62 12.43
C GLN A 12 -14.85 -5.73 13.23
N SER A 13 -13.81 -6.27 12.60
CA SER A 13 -12.54 -6.42 13.26
C SER A 13 -11.92 -5.04 13.59
N LEU A 14 -12.05 -4.08 12.68
CA LEU A 14 -11.60 -2.72 13.01
C LEU A 14 -12.39 -2.12 14.17
N LEU A 15 -13.70 -2.24 14.10
CA LEU A 15 -14.57 -1.77 15.18
C LEU A 15 -14.13 -2.38 16.52
N ASN A 16 -13.88 -3.70 16.52
N ASN A 16 -13.86 -3.67 16.51
CA ASN A 16 -13.40 -4.39 17.73
CA ASN A 16 -13.45 -4.36 17.71
C ASN A 16 -12.18 -3.71 18.27
C ASN A 16 -12.17 -3.76 18.27
N VAL A 17 -11.18 -3.55 17.41
CA VAL A 17 -9.91 -2.97 17.78
C VAL A 17 -10.05 -1.54 18.36
N ILE A 18 -10.93 -0.72 17.78
CA ILE A 18 -11.22 0.62 18.37
C ILE A 18 -12.23 0.63 19.54
N SER A 19 -13.01 -0.43 19.71
CA SER A 19 -13.89 -0.52 20.88
C SER A 19 -13.07 -0.54 22.17
N THR A 20 -11.79 -0.92 22.05
CA THR A 20 -10.88 -0.97 23.19
C THR A 20 -10.55 0.45 23.73
N ALA A 22 -12.68 3.48 24.24
CA ALA A 22 -13.90 4.25 24.45
C ALA A 22 -13.59 5.72 24.73
N SER A 23 -12.43 5.98 25.34
CA SER A 23 -11.88 7.33 25.50
C SER A 23 -12.04 8.20 24.24
N LEU A 24 -11.62 7.70 23.08
CA LEU A 24 -11.63 8.48 21.82
C LEU A 24 -13.06 8.88 21.40
N GLU A 25 -14.05 8.06 21.78
CA GLU A 25 -15.44 8.24 21.38
C GLU A 25 -15.55 8.28 19.86
N LEU A 26 -15.24 7.15 19.23
CA LEU A 26 -15.21 7.07 17.76
C LEU A 26 -16.57 6.63 17.26
N THR A 27 -17.14 7.39 16.32
CA THR A 27 -18.45 7.11 15.76
C THR A 27 -18.25 6.57 14.35
N PRO A 28 -18.58 5.29 14.12
CA PRO A 28 -18.45 4.76 12.78
C PRO A 28 -19.57 5.28 11.88
N GLY A 29 -19.25 5.50 10.62
CA GLY A 29 -20.25 5.77 9.63
C GLY A 29 -20.78 4.47 9.04
N LYS A 30 -21.62 4.61 8.04
CA LYS A 30 -22.24 3.53 7.33
C LYS A 30 -21.30 3.12 6.17
N PRO A 31 -20.96 1.81 6.09
CA PRO A 31 -20.12 1.43 4.97
C PRO A 31 -20.81 1.65 3.64
N GLN A 32 -20.06 2.07 2.65
CA GLN A 32 -20.64 2.41 1.35
C GLN A 32 -19.69 2.13 0.20
N ILE A 33 -20.25 2.05 -1.00
CA ILE A 33 -19.43 1.97 -2.21
C ILE A 33 -18.71 3.32 -2.34
N LYS A 34 -17.41 3.26 -2.55
CA LYS A 34 -16.61 4.44 -2.66
C LYS A 34 -16.89 5.09 -4.01
N THR A 35 -17.21 6.37 -3.98
CA THR A 35 -17.46 7.12 -5.21
C THR A 35 -16.86 8.53 -5.17
N ASP A 36 -15.67 8.66 -4.58
CA ASP A 36 -14.84 9.85 -4.84
C ASP A 36 -13.41 9.60 -4.35
N ASN A 37 -12.51 10.56 -4.55
CA ASN A 37 -11.15 10.50 -3.99
C ASN A 37 -10.99 11.57 -2.91
N LEU A 38 -12.02 11.70 -2.08
CA LEU A 38 -12.02 12.67 -0.99
C LEU A 38 -11.39 12.17 0.31
N ALA A 39 -11.25 10.86 0.51
CA ALA A 39 -10.77 10.31 1.80
C ALA A 39 -9.26 10.46 2.02
N LYS A 40 -8.88 11.56 2.66
CA LYS A 40 -7.49 11.87 2.85
C LYS A 40 -7.07 11.56 4.29
N GLY A 41 -5.79 11.29 4.45
CA GLY A 41 -5.23 11.14 5.77
C GLY A 41 -3.73 11.40 5.73
N ASP A 42 -3.12 11.18 6.87
CA ASP A 42 -1.69 11.52 7.07
C ASP A 42 -0.81 10.32 7.28
N VAL A 43 -1.42 9.21 7.71
CA VAL A 43 -0.68 7.95 7.79
C VAL A 43 -1.65 6.83 7.50
N SER A 44 -1.23 5.85 6.71
CA SER A 44 -2.10 4.72 6.37
C SER A 44 -1.38 3.36 6.43
N GLY A 45 -2.11 2.32 6.84
CA GLY A 45 -1.63 0.93 6.75
C GLY A 45 -2.34 0.26 5.58
N LEU A 46 -1.58 -0.47 4.75
CA LEU A 46 -2.09 -1.08 3.54
C LEU A 46 -1.61 -2.54 3.52
N ILE A 47 -2.46 -3.46 3.06
CA ILE A 47 -2.10 -4.88 3.00
C ILE A 47 -2.89 -5.57 1.88
N GLY A 48 -2.23 -6.48 1.18
CA GLY A 48 -2.87 -7.29 0.16
C GLY A 48 -3.27 -8.63 0.74
N VAL A 50 -4.91 -12.77 -0.58
CA VAL A 50 -5.35 -13.71 -1.63
C VAL A 50 -6.29 -14.70 -0.91
N GLY A 51 -7.43 -15.00 -1.54
CA GLY A 51 -8.49 -15.88 -0.97
C GLY A 51 -9.08 -16.80 -2.00
N PRO A 52 -10.19 -17.52 -1.66
CA PRO A 52 -10.83 -18.50 -2.52
C PRO A 52 -11.34 -17.82 -3.76
N GLN A 53 -10.71 -18.11 -4.87
CA GLN A 53 -11.11 -17.56 -6.15
C GLN A 53 -11.12 -16.03 -6.09
N THR A 54 -10.35 -15.46 -5.17
CA THR A 54 -10.33 -14.03 -5.01
C THR A 54 -9.01 -13.43 -4.51
N LYS A 55 -8.88 -12.15 -4.77
CA LYS A 55 -7.75 -11.39 -4.25
C LYS A 55 -8.21 -10.00 -4.02
N GLY A 56 -7.49 -9.29 -3.19
CA GLY A 56 -7.86 -7.97 -2.86
C GLY A 56 -6.92 -7.26 -1.93
N SER A 57 -7.47 -6.19 -1.36
CA SER A 57 -6.68 -5.21 -0.66
C SER A 57 -7.45 -4.48 0.43
N LEU A 58 -6.69 -4.02 1.42
CA LEU A 58 -7.25 -3.26 2.54
C LEU A 58 -6.32 -2.14 2.94
N SER A 59 -6.88 -1.00 3.30
CA SER A 59 -6.14 0.11 3.85
C SER A 59 -6.95 0.73 4.98
N ILE A 60 -6.22 1.26 5.96
CA ILE A 60 -6.77 2.06 7.06
C ILE A 60 -5.96 3.34 7.10
N THR A 61 -6.67 4.47 6.97
CA THR A 61 -6.06 5.79 6.84
C THR A 61 -6.50 6.61 8.04
N PHE A 62 -5.56 7.32 8.68
CA PHE A 62 -5.84 8.15 9.85
C PHE A 62 -5.38 9.56 9.65
N GLU A 63 -6.11 10.53 10.19
CA GLU A 63 -5.60 11.89 10.38
C GLU A 63 -4.61 11.86 11.51
N GLN A 64 -3.58 12.69 11.42
CA GLN A 64 -2.53 12.76 12.43
C GLN A 64 -3.07 12.90 13.88
N LYS A 65 -3.99 13.83 14.11
CA LYS A 65 -4.40 14.09 15.50
C LYS A 65 -5.03 12.83 16.12
N LEU A 66 -5.72 12.05 15.30
CA LEU A 66 -6.42 10.87 15.77
C LEU A 66 -5.45 9.75 16.07
N VAL A 67 -4.50 9.52 15.15
CA VAL A 67 -3.50 8.47 15.33
C VAL A 67 -2.64 8.73 16.56
N LEU A 68 -2.34 10.00 16.82
CA LEU A 68 -1.57 10.33 18.02
C LEU A 68 -2.31 10.07 19.32
N GLN A 69 -3.64 10.32 19.34
CA GLN A 69 -4.42 9.94 20.49
C GLN A 69 -4.57 8.42 20.64
N ILE A 70 -4.65 7.72 19.52
CA ILE A 70 -4.62 6.24 19.57
C ILE A 70 -3.32 5.74 20.21
N GLN A 72 -1.49 7.49 22.33
CA GLN A 72 -1.58 7.84 23.73
C GLN A 72 -2.31 6.75 24.54
N ASN A 73 -3.43 6.27 23.99
CA ASN A 73 -4.26 5.27 24.64
C ASN A 73 -3.60 3.90 24.70
N LEU A 75 -0.20 3.14 24.13
CA LEU A 75 1.19 3.07 24.59
C LEU A 75 1.54 4.09 25.63
N GLY A 76 0.61 4.96 25.98
CA GLY A 76 0.86 5.89 27.00
C GLY A 76 1.72 7.09 26.67
N GLU A 77 2.02 7.28 25.38
CA GLU A 77 2.81 8.41 24.96
C GLU A 77 2.42 8.88 23.58
N ASN A 78 2.82 10.07 23.21
CA ASN A 78 2.90 10.32 21.79
C ASN A 78 3.87 11.43 21.43
N PRO A 79 4.54 11.24 20.30
CA PRO A 79 5.63 12.11 19.89
C PRO A 79 5.20 13.39 19.23
N GLY A 80 3.90 13.60 19.05
CA GLY A 80 3.44 14.84 18.47
C GLY A 80 3.72 14.97 16.99
N LYS A 81 4.01 13.85 16.34
CA LYS A 81 4.27 13.79 14.92
C LYS A 81 4.31 12.34 14.46
N ILE A 82 4.18 12.11 13.16
CA ILE A 82 4.26 10.77 12.63
C ILE A 82 5.73 10.40 12.49
N ASN A 83 6.23 9.50 13.33
CA ASN A 83 7.60 9.01 13.27
C ASN A 83 7.55 7.49 13.10
N GLU A 84 8.69 6.84 13.17
CA GLU A 84 8.77 5.37 13.05
C GLU A 84 7.94 4.61 14.06
N GLU A 85 7.89 5.11 15.31
N GLU A 85 7.85 5.08 15.30
CA GLU A 85 7.04 4.52 16.37
CA GLU A 85 7.03 4.37 16.29
C GLU A 85 5.59 4.45 15.94
C GLU A 85 5.54 4.45 15.98
N VAL A 86 5.11 5.57 15.41
CA VAL A 86 3.74 5.70 14.94
C VAL A 86 3.48 4.80 13.73
N THR A 87 4.40 4.78 12.75
CA THR A 87 4.19 3.91 11.56
C THR A 87 4.21 2.43 12.01
N ASP A 88 5.04 2.10 12.98
CA ASP A 88 5.04 0.74 13.54
C ASP A 88 3.66 0.37 14.13
N LEU A 89 3.09 1.25 14.93
CA LEU A 89 1.81 1.01 15.54
C LEU A 89 0.74 0.89 14.46
N VAL A 90 0.80 1.73 13.44
CA VAL A 90 -0.17 1.59 12.33
C VAL A 90 -0.09 0.21 11.62
N GLY A 91 1.13 -0.24 11.43
CA GLY A 91 1.36 -1.57 10.85
C GLY A 91 0.80 -2.67 11.72
N GLU A 92 0.94 -2.53 13.03
CA GLU A 92 0.45 -3.52 13.97
C GLU A 92 -1.07 -3.51 14.02
N ILE A 93 -1.66 -2.33 14.02
CA ILE A 93 -3.14 -2.26 13.98
C ILE A 93 -3.66 -2.91 12.69
N THR A 94 -2.95 -2.68 11.59
CA THR A 94 -3.33 -3.27 10.30
C THR A 94 -3.28 -4.80 10.37
N ASN A 95 -2.23 -5.34 10.97
CA ASN A 95 -2.15 -6.79 11.21
C ASN A 95 -3.22 -7.34 12.11
N VAL A 97 -6.27 -6.04 12.62
CA VAL A 97 -7.54 -5.92 11.92
C VAL A 97 -7.67 -7.05 10.90
N THR A 98 -6.63 -7.27 10.11
CA THR A 98 -6.63 -8.34 9.11
C THR A 98 -6.55 -9.74 9.73
N GLY A 99 -5.78 -9.87 10.81
CA GLY A 99 -5.66 -11.11 11.53
C GLY A 99 -7.01 -11.57 12.09
N GLY A 100 -7.72 -10.63 12.72
CA GLY A 100 -9.05 -10.90 13.26
C GLY A 100 -10.03 -11.34 12.21
N ALA A 101 -10.05 -10.61 11.12
CA ALA A 101 -10.89 -10.96 9.98
C ALA A 101 -10.52 -12.33 9.40
N LYS A 102 -9.23 -12.64 9.33
CA LYS A 102 -8.79 -13.92 8.84
C LYS A 102 -9.38 -15.03 9.68
N ASN A 103 -9.36 -14.86 11.00
CA ASN A 103 -9.99 -15.82 11.86
C ASN A 103 -11.51 -15.99 11.66
N LEU A 104 -12.20 -14.87 11.58
CA LEU A 104 -13.64 -14.89 11.38
C LEU A 104 -14.00 -15.53 10.05
N LEU A 105 -13.32 -15.15 8.98
CA LEU A 105 -13.56 -15.79 7.68
C LEU A 105 -13.22 -17.30 7.69
N GLY A 106 -12.12 -17.65 8.36
CA GLY A 106 -11.75 -19.07 8.50
C GLY A 106 -12.77 -19.90 9.22
N GLN A 107 -13.32 -19.29 10.26
N GLN A 107 -13.37 -19.35 10.25
CA GLN A 107 -14.41 -19.85 11.04
CA GLN A 107 -14.35 -20.12 10.99
C GLN A 107 -15.55 -20.21 10.11
C GLN A 107 -15.64 -20.22 10.16
N LYS A 108 -15.85 -19.29 9.21
CA LYS A 108 -16.94 -19.36 8.26
C LYS A 108 -16.65 -20.27 7.06
N GLY A 109 -15.41 -20.75 6.92
CA GLY A 109 -15.02 -21.69 5.89
C GLY A 109 -14.22 -21.10 4.71
N TYR A 110 -13.74 -19.89 4.85
CA TYR A 110 -13.06 -19.18 3.75
C TYR A 110 -11.65 -18.84 4.19
N GLU A 111 -10.67 -19.40 3.49
N GLU A 111 -10.65 -19.40 3.54
CA GLU A 111 -9.27 -19.23 3.79
CA GLU A 111 -9.27 -19.20 3.96
C GLU A 111 -8.73 -17.99 3.05
C GLU A 111 -8.58 -18.10 3.12
N PHE A 112 -8.23 -17.01 3.79
CA PHE A 112 -7.57 -15.84 3.19
C PHE A 112 -6.14 -15.85 3.75
N GLU A 113 -5.17 -15.52 2.91
CA GLU A 113 -3.78 -15.40 3.30
C GLU A 113 -3.44 -13.93 3.09
N ALA A 115 -0.76 -10.67 3.00
CA ALA A 115 0.63 -10.35 2.68
C ALA A 115 1.17 -9.58 3.88
N THR A 116 2.23 -8.78 3.75
CA THR A 116 2.73 -8.04 4.90
C THR A 116 2.38 -6.52 4.71
N PRO A 117 2.20 -5.82 5.80
CA PRO A 117 1.76 -4.43 5.73
C PRO A 117 2.83 -3.45 5.27
N VAL A 119 3.22 0.95 5.32
CA VAL A 119 2.66 2.12 5.92
C VAL A 119 3.15 3.34 5.14
N VAL A 120 2.20 4.15 4.73
CA VAL A 120 2.40 5.44 4.04
C VAL A 120 2.39 6.56 5.07
N SER A 121 3.39 7.44 5.01
CA SER A 121 3.45 8.68 5.77
C SER A 121 3.48 9.82 4.80
N GLY A 122 2.56 10.75 4.93
CA GLY A 122 2.55 11.92 4.04
C GLY A 122 1.28 12.67 4.28
N GLN A 123 1.39 14.00 4.40
N GLN A 123 1.37 13.98 4.42
CA GLN A 123 0.25 14.86 4.75
CA GLN A 123 0.21 14.76 4.85
C GLN A 123 -0.80 14.81 3.62
C GLN A 123 -0.80 14.83 3.67
N GLY A 124 -2.05 14.53 3.98
CA GLY A 124 -3.16 14.63 3.02
C GLY A 124 -3.11 13.73 1.81
N HIS A 125 -2.58 12.54 1.97
CA HIS A 125 -2.55 11.54 0.89
C HIS A 125 -3.87 10.73 0.79
N THR A 126 -4.07 10.15 -0.38
CA THR A 126 -5.27 9.37 -0.66
C THR A 126 -4.80 8.02 -1.21
N ILE A 127 -5.63 7.00 -1.00
CA ILE A 127 -5.40 5.65 -1.48
C ILE A 127 -6.49 5.28 -2.47
N SER A 128 -6.07 4.78 -3.62
CA SER A 128 -6.98 4.31 -4.66
C SER A 128 -6.75 2.80 -4.89
N HIS A 129 -7.76 1.99 -4.56
CA HIS A 129 -7.68 0.54 -4.76
C HIS A 129 -8.08 0.20 -6.19
N LYS A 130 -7.25 -0.58 -6.86
CA LYS A 130 -7.44 -0.85 -8.28
C LYS A 130 -7.99 -2.26 -8.62
N ALA A 131 -8.19 -3.10 -7.62
CA ALA A 131 -8.90 -4.35 -7.84
C ALA A 131 -10.15 -4.16 -8.67
N ASN A 132 -10.40 -5.12 -9.57
CA ASN A 132 -11.61 -5.16 -10.37
C ASN A 132 -12.74 -5.76 -9.56
N GLY A 133 -13.28 -4.96 -8.65
CA GLY A 133 -14.45 -5.34 -7.85
C GLY A 133 -14.90 -4.15 -7.03
N THR A 134 -15.89 -4.36 -6.19
CA THR A 134 -16.50 -3.24 -5.49
C THR A 134 -15.64 -2.78 -4.36
N LYS A 135 -15.44 -1.46 -4.28
CA LYS A 135 -14.69 -0.79 -3.25
C LYS A 135 -15.62 -0.35 -2.15
N ILE A 136 -15.41 -0.85 -0.93
CA ILE A 136 -16.25 -0.48 0.23
C ILE A 136 -15.40 0.34 1.18
N ILE A 137 -15.92 1.50 1.59
CA ILE A 137 -15.21 2.39 2.52
C ILE A 137 -16.14 2.71 3.69
N PRO A 139 -16.00 5.23 7.26
CA PRO A 139 -15.26 6.17 8.08
C PRO A 139 -15.55 5.96 9.57
N PHE A 140 -14.65 6.44 10.43
N PHE A 140 -14.65 6.53 10.36
CA PHE A 140 -14.91 6.50 11.88
CA PHE A 140 -14.80 6.67 11.79
C PHE A 140 -14.33 7.79 12.43
C PHE A 140 -14.49 8.09 12.08
N THR A 141 -15.19 8.64 13.03
CA THR A 141 -14.88 10.01 13.40
C THR A 141 -14.96 10.21 14.90
N SER A 142 -14.27 11.24 15.35
CA SER A 142 -14.17 11.59 16.76
C SER A 142 -13.78 13.06 16.83
N SER A 143 -13.76 13.61 18.04
CA SER A 143 -13.25 14.97 18.22
C SER A 143 -11.76 15.07 17.90
N TYR A 144 -11.02 13.95 17.97
CA TYR A 144 -9.60 13.97 17.62
C TYR A 144 -9.37 13.83 16.15
N GLY A 145 -10.40 13.47 15.39
CA GLY A 145 -10.22 13.41 13.94
C GLY A 145 -10.82 12.15 13.36
N THR A 146 -10.53 11.93 12.10
CA THR A 146 -11.19 10.87 11.36
C THR A 146 -10.22 9.84 10.82
N ALA A 147 -10.77 8.64 10.63
CA ALA A 147 -10.07 7.55 9.96
C ALA A 147 -11.02 6.85 8.97
N PHE A 148 -10.45 6.09 8.03
CA PHE A 148 -11.22 5.40 7.02
C PHE A 148 -10.62 4.02 6.79
N ILE A 149 -11.47 3.01 6.69
CA ILE A 149 -11.05 1.69 6.24
C ILE A 149 -11.65 1.48 4.86
N GLU A 150 -10.84 1.00 3.94
CA GLU A 150 -11.32 0.63 2.61
C GLU A 150 -10.90 -0.78 2.35
N VAL A 151 -11.83 -1.57 1.81
CA VAL A 151 -11.61 -2.98 1.46
C VAL A 151 -12.15 -3.30 0.05
N CYS A 152 -11.39 -4.02 -0.77
CA CYS A 152 -11.78 -4.28 -2.15
C CYS A 152 -11.36 -5.70 -2.51
N PHE A 153 -12.28 -6.48 -3.03
CA PHE A 153 -11.96 -7.81 -3.55
C PHE A 153 -12.36 -7.93 -4.98
N GLU A 154 -11.61 -8.75 -5.69
CA GLU A 154 -11.80 -8.96 -7.12
C GLU A 154 -12.10 -10.43 -7.29
N GLY B 1 17.85 -13.10 5.98
CA GLY B 1 19.05 -12.43 5.38
C GLY B 1 18.96 -12.62 3.89
N ASN B 3 18.97 -12.51 -0.07
CA ASN B 3 19.86 -12.09 -1.14
C ASN B 3 19.31 -10.81 -1.77
N VAL B 4 20.15 -9.79 -1.87
CA VAL B 4 19.77 -8.51 -2.45
C VAL B 4 19.34 -8.72 -3.91
N ASN B 5 19.81 -9.80 -4.55
CA ASN B 5 19.40 -10.13 -5.91
C ASN B 5 17.93 -10.48 -6.11
N PHE B 6 17.17 -10.70 -5.04
CA PHE B 6 15.72 -10.88 -5.17
C PHE B 6 15.01 -9.68 -5.76
N ILE B 7 15.66 -8.50 -5.74
CA ILE B 7 15.04 -7.34 -6.35
C ILE B 7 15.21 -7.36 -7.88
N ASN B 8 16.19 -8.11 -8.39
CA ASN B 8 16.52 -8.07 -9.81
C ASN B 8 15.36 -8.33 -10.77
N PRO B 9 14.53 -9.38 -10.53
CA PRO B 9 13.32 -9.59 -11.38
C PRO B 9 12.36 -8.40 -11.46
N PHE B 10 12.24 -7.69 -10.34
CA PHE B 10 11.41 -6.51 -10.28
C PHE B 10 12.06 -5.34 -11.02
N LEU B 11 13.35 -5.15 -10.80
CA LEU B 11 14.18 -4.19 -11.56
C LEU B 11 14.04 -4.40 -13.07
N GLN B 12 14.24 -5.64 -13.51
CA GLN B 12 14.24 -5.94 -14.94
C GLN B 12 12.86 -5.67 -15.53
N SER B 13 11.83 -6.05 -14.80
CA SER B 13 10.47 -5.89 -15.27
C SER B 13 10.10 -4.40 -15.38
N LEU B 14 10.51 -3.59 -14.41
CA LEU B 14 10.24 -2.15 -14.45
C LEU B 14 10.96 -1.55 -15.64
N LEU B 15 12.22 -1.93 -15.84
CA LEU B 15 13.01 -1.37 -16.94
C LEU B 15 12.37 -1.79 -18.27
N ASN B 16 11.85 -3.01 -18.34
CA ASN B 16 11.06 -3.40 -19.52
C ASN B 16 9.88 -2.48 -19.83
N VAL B 17 9.07 -2.17 -18.82
CA VAL B 17 7.90 -1.34 -19.03
C VAL B 17 8.31 0.10 -19.40
N ILE B 18 9.18 0.70 -18.60
CA ILE B 18 9.51 2.12 -18.73
C ILE B 18 10.44 2.38 -19.92
N SER B 19 11.50 1.62 -20.03
CA SER B 19 12.47 1.85 -21.08
C SER B 19 11.97 1.47 -22.44
N THR B 20 11.25 0.35 -22.59
CA THR B 20 10.68 0.04 -23.91
C THR B 20 9.27 0.61 -24.08
N ALA B 22 7.57 2.82 -22.45
CA ALA B 22 7.51 4.26 -22.22
C ALA B 22 8.66 5.03 -22.87
N SER B 23 9.52 4.32 -23.60
CA SER B 23 10.73 4.89 -24.22
C SER B 23 11.47 5.90 -23.32
N LEU B 24 11.58 5.59 -22.04
CA LEU B 24 12.18 6.52 -21.08
C LEU B 24 13.28 5.78 -20.32
N GLU B 25 14.53 6.22 -20.49
N GLU B 25 14.54 6.19 -20.48
CA GLU B 25 15.69 5.57 -19.86
CA GLU B 25 15.63 5.46 -19.86
C GLU B 25 15.77 5.93 -18.36
C GLU B 25 15.85 5.87 -18.40
N LEU B 26 15.48 4.97 -17.50
CA LEU B 26 15.73 5.09 -16.08
C LEU B 26 17.12 4.53 -15.80
N THR B 27 17.94 5.22 -15.03
CA THR B 27 19.23 4.65 -14.67
C THR B 27 19.14 4.18 -13.23
N PRO B 28 19.29 2.86 -13.00
CA PRO B 28 19.21 2.30 -11.67
C PRO B 28 20.41 2.63 -10.83
N GLY B 29 20.18 2.77 -9.55
CA GLY B 29 21.23 2.87 -8.57
C GLY B 29 21.55 1.46 -8.06
N LYS B 30 22.27 1.38 -6.96
CA LYS B 30 22.66 0.09 -6.41
C LYS B 30 21.60 -0.33 -5.40
N PRO B 31 21.18 -1.60 -5.43
CA PRO B 31 20.26 -2.09 -4.41
C PRO B 31 20.89 -1.99 -3.04
N GLN B 32 20.12 -1.51 -2.06
CA GLN B 32 20.61 -1.25 -0.72
C GLN B 32 19.67 -1.98 0.23
N ILE B 33 20.20 -2.58 1.28
CA ILE B 33 19.34 -2.90 2.39
C ILE B 33 18.88 -1.55 2.92
N LYS B 34 17.57 -1.33 3.04
CA LYS B 34 17.03 0.00 3.38
C LYS B 34 17.54 0.48 4.76
N THR B 35 18.03 1.72 4.80
CA THR B 35 18.52 2.28 6.05
C THR B 35 18.16 3.77 6.25
N ASP B 36 17.25 4.29 5.40
CA ASP B 36 16.80 5.69 5.42
C ASP B 36 15.28 5.68 5.29
N ASN B 37 14.61 6.77 5.68
CA ASN B 37 13.20 7.00 5.32
C ASN B 37 13.15 8.10 4.25
N LEU B 38 14.05 7.98 3.27
CA LEU B 38 14.37 9.07 2.37
C LEU B 38 13.80 8.91 0.97
N ALA B 39 13.10 7.78 0.73
CA ALA B 39 12.65 7.52 -0.63
C ALA B 39 11.26 8.15 -0.82
N LYS B 40 11.24 9.49 -0.93
CA LYS B 40 10.00 10.25 -1.08
C LYS B 40 9.54 10.23 -2.56
N GLY B 41 8.22 10.21 -2.75
CA GLY B 41 7.64 10.51 -4.01
C GLY B 41 6.23 11.05 -3.90
N ASP B 42 5.58 11.13 -5.04
CA ASP B 42 4.29 11.82 -5.17
C ASP B 42 3.15 10.85 -5.54
N VAL B 43 3.49 9.75 -6.16
CA VAL B 43 2.50 8.69 -6.44
C VAL B 43 3.22 7.36 -6.33
N SER B 44 2.58 6.36 -5.71
CA SER B 44 3.23 5.05 -5.52
C SER B 44 2.24 3.94 -5.78
N GLY B 45 2.71 2.86 -6.42
CA GLY B 45 1.95 1.62 -6.57
C GLY B 45 2.46 0.60 -5.55
N LEU B 46 1.54 0.04 -4.76
CA LEU B 46 1.82 -0.90 -3.69
C LEU B 46 1.03 -2.20 -3.91
N ILE B 47 1.64 -3.34 -3.64
CA ILE B 47 0.98 -4.62 -3.82
C ILE B 47 1.58 -5.65 -2.89
N GLY B 48 0.73 -6.51 -2.38
CA GLY B 48 1.17 -7.66 -1.58
C GLY B 48 1.37 -8.90 -2.42
N VAL B 50 1.86 -13.31 -1.84
CA VAL B 50 1.71 -14.44 -0.93
C VAL B 50 2.09 -15.70 -1.67
N GLY B 51 2.97 -16.48 -1.07
CA GLY B 51 3.41 -17.75 -1.63
C GLY B 51 3.36 -18.86 -0.60
N PRO B 52 3.62 -20.10 -1.01
CA PRO B 52 3.59 -21.23 -0.09
C PRO B 52 4.49 -21.06 1.11
N GLN B 53 5.71 -20.59 0.87
CA GLN B 53 6.67 -20.42 1.94
C GLN B 53 7.11 -18.95 1.96
N THR B 54 6.18 -18.03 1.71
CA THR B 54 6.58 -16.63 1.63
C THR B 54 5.42 -15.64 1.70
N LYS B 55 5.73 -14.48 2.28
CA LYS B 55 4.86 -13.33 2.08
C LYS B 55 5.67 -12.04 2.04
N GLY B 56 5.16 -11.08 1.29
CA GLY B 56 5.86 -9.82 1.24
C GLY B 56 5.14 -8.74 0.54
N SER B 57 5.91 -7.72 0.20
CA SER B 57 5.37 -6.46 -0.26
C SER B 57 6.30 -5.83 -1.27
N LEU B 58 5.70 -5.14 -2.24
CA LEU B 58 6.40 -4.34 -3.25
C LEU B 58 5.79 -2.94 -3.31
N SER B 59 6.64 -1.92 -3.36
CA SER B 59 6.23 -0.53 -3.64
C SER B 59 7.08 0.03 -4.78
N ILE B 60 6.42 0.77 -5.68
CA ILE B 60 7.10 1.48 -6.75
C ILE B 60 6.66 2.93 -6.60
N THR B 61 7.61 3.82 -6.38
CA THR B 61 7.32 5.21 -6.03
C THR B 61 7.91 6.11 -7.09
N PHE B 62 7.15 7.12 -7.52
CA PHE B 62 7.54 8.06 -8.57
C PHE B 62 7.37 9.53 -8.14
N GLU B 63 8.28 10.41 -8.55
CA GLU B 63 8.03 11.84 -8.51
C GLU B 63 7.05 12.24 -9.58
N GLN B 64 6.31 13.31 -9.34
CA GLN B 64 5.24 13.72 -10.24
C GLN B 64 5.71 13.96 -11.66
N LYS B 65 6.80 14.71 -11.86
CA LYS B 65 7.22 15.04 -13.25
C LYS B 65 7.58 13.75 -14.04
N LEU B 66 8.18 12.81 -13.35
CA LEU B 66 8.53 11.53 -13.94
C LEU B 66 7.31 10.72 -14.33
N VAL B 67 6.35 10.54 -13.42
CA VAL B 67 5.18 9.73 -13.75
C VAL B 67 4.35 10.39 -14.88
N LEU B 68 4.27 11.72 -14.88
CA LEU B 68 3.59 12.42 -15.96
C LEU B 68 4.30 12.27 -17.32
N GLN B 69 5.61 12.23 -17.33
CA GLN B 69 6.32 11.96 -18.57
C GLN B 69 6.12 10.51 -19.05
N ILE B 70 6.10 9.56 -18.10
CA ILE B 70 5.79 8.17 -18.38
C ILE B 70 4.38 8.08 -19.01
N GLN B 72 2.77 10.53 -20.57
CA GLN B 72 2.83 11.13 -21.89
C GLN B 72 3.32 10.08 -22.92
N ASN B 73 4.41 9.38 -22.59
CA ASN B 73 5.07 8.49 -23.53
C ASN B 73 4.25 7.21 -23.81
N LEU B 75 0.77 6.78 -23.13
CA LEU B 75 -0.63 7.04 -23.55
C LEU B 75 -0.85 8.28 -24.43
N GLY B 76 0.16 9.12 -24.58
CA GLY B 76 0.06 10.22 -25.47
C GLY B 76 -0.64 11.40 -24.87
N GLU B 77 -0.78 11.40 -23.56
CA GLU B 77 -1.33 12.57 -22.89
C GLU B 77 -0.91 12.61 -21.47
N ASN B 78 -1.17 13.73 -20.83
CA ASN B 78 -1.12 13.71 -19.37
C ASN B 78 -1.80 14.95 -18.86
N PRO B 79 -2.43 14.81 -17.72
CA PRO B 79 -3.28 15.88 -17.25
C PRO B 79 -2.55 16.97 -16.46
N GLY B 80 -1.22 16.90 -16.35
CA GLY B 80 -0.47 17.96 -15.64
C GLY B 80 -0.61 17.91 -14.12
N LYS B 81 -1.19 16.82 -13.61
CA LYS B 81 -1.38 16.60 -12.18
C LYS B 81 -1.67 15.11 -11.98
N ILE B 82 -1.56 14.66 -10.74
N ILE B 82 -1.61 14.63 -10.75
CA ILE B 82 -1.93 13.29 -10.39
CA ILE B 82 -1.85 13.19 -10.53
C ILE B 82 -3.45 13.28 -10.33
C ILE B 82 -3.33 12.93 -10.20
N ASN B 83 -4.09 12.55 -11.22
CA ASN B 83 -5.54 12.33 -11.10
C ASN B 83 -5.81 10.83 -11.23
N GLU B 84 -7.10 10.46 -11.36
CA GLU B 84 -7.50 9.06 -11.46
C GLU B 84 -6.89 8.38 -12.68
N GLU B 85 -6.76 9.06 -13.81
CA GLU B 85 -6.13 8.41 -14.96
C GLU B 85 -4.68 8.08 -14.68
N VAL B 86 -4.00 8.96 -13.94
CA VAL B 86 -2.58 8.71 -13.57
C VAL B 86 -2.49 7.54 -12.60
N THR B 87 -3.34 7.52 -11.59
CA THR B 87 -3.32 6.41 -10.63
C THR B 87 -3.69 5.06 -11.29
N ASP B 88 -4.64 5.06 -12.23
CA ASP B 88 -4.92 3.86 -13.01
C ASP B 88 -3.67 3.35 -13.74
N LEU B 89 -2.91 4.24 -14.38
CA LEU B 89 -1.70 3.80 -15.08
C LEU B 89 -0.65 3.24 -14.11
N VAL B 90 -0.47 3.89 -12.98
CA VAL B 90 0.46 3.39 -11.98
C VAL B 90 0.03 2.00 -11.50
N GLY B 91 -1.27 1.78 -11.34
CA GLY B 91 -1.80 0.47 -10.98
C GLY B 91 -1.43 -0.57 -12.02
N GLU B 92 -1.57 -0.22 -13.29
CA GLU B 92 -1.23 -1.15 -14.38
C GLU B 92 0.25 -1.39 -14.47
N ILE B 93 1.06 -0.36 -14.27
CA ILE B 93 2.51 -0.56 -14.21
C ILE B 93 2.86 -1.49 -13.07
N THR B 94 2.21 -1.28 -11.91
CA THR B 94 2.46 -2.15 -10.76
C THR B 94 2.14 -3.62 -11.06
N ASN B 95 0.99 -3.85 -11.71
CA ASN B 95 0.63 -5.21 -12.08
C ASN B 95 1.64 -5.82 -13.05
N VAL B 97 4.94 -4.98 -13.51
CA VAL B 97 6.22 -5.20 -12.81
C VAL B 97 6.18 -6.48 -11.95
N THR B 98 5.10 -6.59 -11.17
CA THR B 98 4.91 -7.72 -10.24
C THR B 98 4.66 -8.98 -11.00
N GLY B 99 3.87 -8.90 -12.07
CA GLY B 99 3.66 -10.05 -12.92
C GLY B 99 4.86 -10.59 -13.64
N GLY B 100 5.67 -9.69 -14.19
CA GLY B 100 6.91 -10.10 -14.82
C GLY B 100 7.88 -10.72 -13.83
N ALA B 101 7.91 -10.15 -12.63
CA ALA B 101 8.75 -10.71 -11.55
C ALA B 101 8.26 -12.09 -11.13
N LYS B 102 6.94 -12.23 -11.00
CA LYS B 102 6.33 -13.55 -10.72
C LYS B 102 6.77 -14.58 -11.75
N ASN B 103 6.70 -14.23 -13.04
CA ASN B 103 7.14 -15.11 -14.09
C ASN B 103 8.63 -15.51 -13.98
N LEU B 104 9.48 -14.50 -13.89
CA LEU B 104 10.93 -14.71 -13.76
C LEU B 104 11.31 -15.54 -12.51
N LEU B 105 10.78 -15.16 -11.33
CA LEU B 105 10.95 -15.93 -10.08
C LEU B 105 10.36 -17.35 -10.11
N GLY B 106 9.21 -17.52 -10.75
CA GLY B 106 8.63 -18.86 -10.92
C GLY B 106 9.52 -19.79 -11.71
N GLN B 107 10.18 -19.27 -12.75
CA GLN B 107 11.15 -20.07 -13.51
C GLN B 107 12.32 -20.55 -12.65
N LYS B 108 12.60 -19.82 -11.58
CA LYS B 108 13.62 -20.18 -10.61
C LYS B 108 13.12 -20.89 -9.35
N GLY B 109 11.90 -21.39 -9.40
CA GLY B 109 11.30 -22.13 -8.28
C GLY B 109 10.73 -21.35 -7.12
N TYR B 110 10.70 -20.04 -7.22
N TYR B 110 10.66 -20.04 -7.22
CA TYR B 110 10.13 -19.18 -6.20
CA TYR B 110 10.16 -19.19 -6.14
C TYR B 110 8.71 -18.88 -6.63
C TYR B 110 8.73 -18.76 -6.51
N GLU B 111 7.75 -19.42 -5.90
CA GLU B 111 6.32 -19.22 -6.20
C GLU B 111 5.64 -18.19 -5.28
N PHE B 112 4.90 -17.29 -5.92
CA PHE B 112 3.99 -16.39 -5.19
C PHE B 112 2.87 -15.97 -6.11
N GLU B 113 1.79 -15.52 -5.47
CA GLU B 113 0.64 -14.92 -6.12
C GLU B 113 0.58 -13.46 -5.63
N ALA B 115 -1.56 -9.89 -4.93
CA ALA B 115 -2.86 -9.39 -4.56
C ALA B 115 -3.17 -8.34 -5.63
N THR B 116 -3.80 -7.22 -5.25
CA THR B 116 -4.22 -6.24 -6.20
C THR B 116 -3.59 -4.86 -5.86
N PRO B 117 -3.36 -4.00 -6.88
CA PRO B 117 -2.63 -2.80 -6.60
C PRO B 117 -3.42 -1.78 -5.78
N VAL B 119 -2.84 2.34 -5.04
CA VAL B 119 -2.05 3.49 -5.43
C VAL B 119 -2.25 4.66 -4.47
N VAL B 120 -1.11 5.16 -3.98
CA VAL B 120 -1.03 6.25 -3.05
C VAL B 120 -0.76 7.51 -3.85
N SER B 121 -1.52 8.56 -3.57
N SER B 121 -1.48 8.57 -3.52
CA SER B 121 -1.30 9.88 -4.16
CA SER B 121 -1.29 9.88 -4.13
C SER B 121 -1.11 10.88 -3.03
C SER B 121 -1.16 10.93 -3.05
N GLY B 122 -0.04 11.66 -3.07
CA GLY B 122 0.26 12.66 -2.03
C GLY B 122 1.65 13.20 -2.19
N GLN B 123 1.80 14.53 -2.14
N GLN B 123 1.80 14.53 -2.18
CA GLN B 123 3.11 15.14 -2.34
CA GLN B 123 3.11 15.14 -2.45
C GLN B 123 4.07 14.63 -1.28
C GLN B 123 4.10 14.76 -1.33
N GLY B 124 5.26 14.23 -1.71
CA GLY B 124 6.33 13.89 -0.76
C GLY B 124 6.06 12.84 0.29
N HIS B 125 5.24 11.83 -0.02
CA HIS B 125 5.01 10.73 0.89
C HIS B 125 6.14 9.71 0.87
N THR B 126 6.20 8.89 1.93
CA THR B 126 7.19 7.82 2.01
C THR B 126 6.45 6.52 2.37
N ILE B 127 7.07 5.40 2.06
CA ILE B 127 6.51 4.08 2.33
C ILE B 127 7.47 3.33 3.25
N SER B 128 6.93 2.68 4.27
CA SER B 128 7.67 1.85 5.17
C SER B 128 7.07 0.44 5.14
N HIS B 129 7.89 -0.55 4.78
CA HIS B 129 7.49 -1.98 4.75
C HIS B 129 7.73 -2.58 6.10
N LYS B 130 6.71 -3.26 6.64
CA LYS B 130 6.75 -3.76 8.00
C LYS B 130 6.95 -5.25 8.13
N ALA B 131 7.14 -5.98 7.04
CA ALA B 131 7.50 -7.42 7.16
C ALA B 131 8.70 -7.63 8.09
N ASN B 132 8.76 -8.80 8.71
CA ASN B 132 9.93 -9.17 9.49
C ASN B 132 10.85 -9.87 8.52
N GLY B 133 11.59 -9.09 7.75
CA GLY B 133 12.56 -9.62 6.81
C GLY B 133 13.39 -8.51 6.24
N THR B 134 14.22 -8.82 5.26
CA THR B 134 15.10 -7.84 4.70
C THR B 134 14.34 -6.89 3.81
N LYS B 135 14.63 -5.60 3.89
CA LYS B 135 13.99 -4.60 3.05
C LYS B 135 15.04 -4.23 2.02
N ILE B 136 14.75 -4.41 0.74
CA ILE B 136 15.69 -4.07 -0.34
C ILE B 136 15.13 -2.90 -1.14
N ILE B 137 15.89 -1.82 -1.25
CA ILE B 137 15.44 -0.66 -1.97
C ILE B 137 16.47 -0.26 -3.01
N PRO B 139 17.09 3.03 -5.99
CA PRO B 139 16.67 4.22 -6.73
C PRO B 139 16.83 4.05 -8.24
N PHE B 140 16.06 4.84 -8.99
CA PHE B 140 16.20 5.03 -10.44
C PHE B 140 16.18 6.53 -10.77
N THR B 141 17.14 7.01 -11.57
N THR B 141 17.08 6.90 -11.67
CA THR B 141 17.21 8.45 -11.91
CA THR B 141 17.40 8.28 -11.97
C THR B 141 16.96 8.75 -13.39
C THR B 141 17.00 8.62 -13.39
N SER B 142 16.26 9.85 -13.64
N SER B 142 16.80 9.90 -13.64
CA SER B 142 16.17 10.45 -14.96
CA SER B 142 16.47 10.45 -14.94
C SER B 142 16.20 11.97 -14.79
C SER B 142 16.32 11.98 -14.79
N SER B 143 16.31 12.70 -15.90
CA SER B 143 16.22 14.16 -15.85
C SER B 143 14.82 14.61 -15.38
N TYR B 144 13.82 13.73 -15.55
CA TYR B 144 12.45 14.02 -15.12
C TYR B 144 12.26 13.80 -13.64
N GLY B 145 13.23 13.17 -13.01
CA GLY B 145 13.18 12.90 -11.59
C GLY B 145 13.40 11.43 -11.25
N THR B 146 13.05 11.10 -10.01
CA THR B 146 13.45 9.85 -9.37
C THR B 146 12.29 8.87 -9.11
N ALA B 147 12.59 7.58 -9.21
CA ALA B 147 11.69 6.54 -8.79
C ALA B 147 12.44 5.60 -7.86
N PHE B 148 11.69 4.82 -7.09
CA PHE B 148 12.25 3.80 -6.19
C PHE B 148 11.40 2.54 -6.25
N ILE B 149 12.06 1.39 -6.25
CA ILE B 149 11.41 0.14 -5.97
C ILE B 149 11.88 -0.31 -4.61
N GLU B 150 10.95 -0.75 -3.78
CA GLU B 150 11.26 -1.44 -2.56
C GLU B 150 10.51 -2.78 -2.48
N VAL B 151 11.24 -3.85 -2.14
N VAL B 151 11.24 -3.84 -2.13
CA VAL B 151 10.61 -5.14 -1.86
CA VAL B 151 10.63 -5.15 -1.87
C VAL B 151 10.98 -5.64 -0.45
C VAL B 151 11.00 -5.68 -0.48
N CYS B 152 10.09 -6.41 0.15
CA CYS B 152 10.36 -7.01 1.48
C CYS B 152 9.69 -8.34 1.51
N PHE B 153 10.36 -9.38 2.00
CA PHE B 153 9.75 -10.71 2.12
C PHE B 153 10.08 -11.27 3.49
N GLU B 154 9.10 -11.95 4.07
CA GLU B 154 9.29 -12.83 5.23
C GLU B 154 9.47 -14.26 4.69
#